data_4ZKC
#
_entry.id   4ZKC
#
_cell.length_a   77.430
_cell.length_b   77.430
_cell.length_c   181.560
_cell.angle_alpha   90.00
_cell.angle_beta   90.00
_cell.angle_gamma   90.00
#
_symmetry.space_group_name_H-M   'P 43 21 2'
#
loop_
_entity.id
_entity.type
_entity.pdbx_description
1 polymer 'Chemokine binding protein'
2 polymer 'C-C motif chemokine 7'
3 branched 2-acetamido-2-deoxy-beta-D-glucopyranose-(1-4)-2-acetamido-2-deoxy-beta-D-glucopyranose
4 branched beta-D-mannopyranose-(1-4)-2-acetamido-2-deoxy-beta-D-glucopyranose-(1-4)-2-acetamido-2-deoxy-beta-D-glucopyranose
#
loop_
_entity_poly.entity_id
_entity_poly.type
_entity_poly.pdbx_seq_one_letter_code
_entity_poly.pdbx_strand_id
1 'polypeptide(L)'
;APLLESQRSNSEEKANFCSTHNDEVYARFRLQMRVGVRHSPLYTPSNMCMLDIEDSVEDIEESTEKEYASTATGEAAGVN
VSVALVGEGVSIPFSYIGLGFNPSLEDSYLYVNVSSRAPWVKQTSDLSANGGWGIKQVLEKELLAIQIGCDNQKFPEEPT
TTPPSPVTTTLSSTTPDLNEENTENTPTTTGASVDRKRNPADIDFSLLVDPRCVTSVDLHVELRDACIDYKQESPLSLKG
KYGDGELVKKEIKDVGKNHNMCSLNLNPGNENLYFQ
;
A
2 'polypeptide(L)'
;QPVGINTSTTCCYRFINKKIPKQRLESYRRTTSSHCPREAVIFKTKLDKEICADPTQKWVQDFMKHLDKKTQTPKLHHHH
HH
;
B
#
loop_
_chem_comp.id
_chem_comp.type
_chem_comp.name
_chem_comp.formula
BMA D-saccharide, beta linking beta-D-mannopyranose 'C6 H12 O6'
NAG D-saccharide, beta linking 2-acetamido-2-deoxy-beta-D-glucopyranose 'C8 H15 N O6'
#
# COMPACT_ATOMS: atom_id res chain seq x y z
N SER A 11 -12.41 9.03 -21.73
CA SER A 11 -11.12 9.73 -22.05
C SER A 11 -10.92 10.01 -23.55
N GLU A 12 -10.03 10.96 -23.83
CA GLU A 12 -9.56 11.21 -25.18
C GLU A 12 -8.52 10.14 -25.51
N GLU A 13 -7.42 10.16 -24.77
CA GLU A 13 -6.28 9.26 -25.01
C GLU A 13 -6.54 7.82 -24.60
N LYS A 14 -6.83 7.60 -23.31
CA LYS A 14 -6.99 6.25 -22.72
C LYS A 14 -7.71 5.28 -23.64
N ALA A 15 -8.79 5.77 -24.23
CA ALA A 15 -9.51 4.99 -25.22
C ALA A 15 -8.58 4.65 -26.40
N ASN A 16 -8.26 5.66 -27.20
CA ASN A 16 -7.39 5.48 -28.37
C ASN A 16 -6.25 4.51 -28.06
N PHE A 17 -5.69 4.67 -26.88
CA PHE A 17 -4.65 3.79 -26.43
C PHE A 17 -5.14 2.35 -26.30
N CYS A 18 -6.04 2.11 -25.35
CA CYS A 18 -6.50 0.75 -25.10
C CYS A 18 -6.87 0.10 -26.42
N SER A 19 -7.49 0.88 -27.32
CA SER A 19 -7.79 0.42 -28.69
C SER A 19 -6.53 -0.03 -29.42
N THR A 20 -5.59 0.89 -29.63
CA THR A 20 -4.31 0.59 -30.27
C THR A 20 -3.44 -0.41 -29.49
N HIS A 21 -3.91 -0.89 -28.34
CA HIS A 21 -3.14 -1.85 -27.54
C HIS A 21 -3.99 -2.99 -27.01
N ASN A 22 -4.63 -3.72 -27.93
CA ASN A 22 -5.57 -4.78 -27.55
C ASN A 22 -4.91 -5.97 -26.84
N ASP A 23 -3.81 -6.46 -27.40
CA ASP A 23 -3.32 -7.79 -27.06
C ASP A 23 -2.23 -7.86 -25.97
N GLU A 24 -2.22 -6.93 -25.03
CA GLU A 24 -1.31 -7.03 -23.89
C GLU A 24 -1.87 -6.33 -22.66
N VAL A 25 -1.24 -6.54 -21.52
CA VAL A 25 -1.78 -6.04 -20.25
C VAL A 25 -0.78 -5.19 -19.44
N TYR A 26 -1.21 -3.99 -19.05
CA TYR A 26 -0.43 -3.13 -18.17
C TYR A 26 -1.12 -3.04 -16.83
N ALA A 27 -0.33 -3.06 -15.76
CA ALA A 27 -0.88 -2.97 -14.41
C ALA A 27 -1.37 -1.56 -14.14
N ARG A 28 -2.53 -1.46 -13.47
CA ARG A 28 -2.81 -0.25 -12.72
C ARG A 28 -3.16 -0.67 -11.31
N PHE A 29 -2.53 -0.02 -10.36
CA PHE A 29 -2.75 -0.29 -8.96
C PHE A 29 -3.45 0.92 -8.39
N ARG A 30 -4.45 0.62 -7.55
CA ARG A 30 -5.29 1.64 -6.98
C ARG A 30 -5.64 1.30 -5.55
N LEU A 31 -5.40 2.26 -4.66
CA LEU A 31 -5.79 2.12 -3.28
C LEU A 31 -6.84 3.14 -2.91
N GLN A 32 -7.77 2.76 -2.03
CA GLN A 32 -8.59 3.74 -1.31
C GLN A 32 -8.78 3.30 0.13
N MET A 33 -8.65 4.26 1.05
CA MET A 33 -8.51 3.95 2.47
C MET A 33 -9.02 5.07 3.37
N ARG A 34 -9.97 4.73 4.22
CA ARG A 34 -10.47 5.63 5.23
C ARG A 34 -9.89 5.16 6.54
N VAL A 35 -9.21 6.10 7.19
CA VAL A 35 -8.61 5.86 8.47
C VAL A 35 -9.31 6.70 9.52
N GLY A 36 -9.78 6.01 10.56
CA GLY A 36 -10.38 6.68 11.70
C GLY A 36 -9.31 7.20 12.63
N VAL A 37 -9.39 8.49 12.97
CA VAL A 37 -8.32 9.14 13.73
C VAL A 37 -8.78 9.58 15.10
N ARG A 38 -7.83 9.64 16.02
CA ARG A 38 -8.06 10.06 17.41
C ARG A 38 -6.84 10.85 17.87
N HIS A 39 -6.98 12.15 18.10
CA HIS A 39 -5.81 12.98 18.41
C HIS A 39 -5.33 12.86 19.84
N SER A 40 -4.06 13.18 20.03
CA SER A 40 -3.44 13.26 21.34
C SER A 40 -3.97 14.49 22.07
N PRO A 41 -4.11 14.41 23.41
CA PRO A 41 -4.69 15.57 24.08
C PRO A 41 -3.81 16.81 23.93
N LEU A 42 -2.50 16.61 23.77
CA LEU A 42 -1.57 17.70 23.52
C LEU A 42 -1.46 18.11 22.02
N TYR A 43 -2.19 17.43 21.12
CA TYR A 43 -2.14 17.78 19.67
C TYR A 43 -2.75 19.14 19.45
N THR A 44 -2.14 19.92 18.57
CA THR A 44 -2.72 21.20 18.16
C THR A 44 -3.19 21.04 16.71
N PRO A 45 -4.40 21.55 16.41
CA PRO A 45 -4.98 21.55 15.08
C PRO A 45 -4.05 22.13 14.07
N SER A 46 -4.09 21.57 12.85
CA SER A 46 -3.21 22.04 11.80
C SER A 46 -3.61 21.53 10.43
N ASN A 47 -3.40 22.41 9.44
CA ASN A 47 -3.65 22.13 8.04
C ASN A 47 -2.47 21.54 7.34
N MET A 48 -1.36 21.33 8.01
CA MET A 48 -0.16 20.98 7.27
C MET A 48 -0.37 19.62 6.70
N CYS A 49 0.22 19.39 5.54
CA CYS A 49 0.14 18.12 4.89
C CYS A 49 1.49 17.89 4.18
N MET A 50 2.08 16.71 4.35
CA MET A 50 3.31 16.38 3.65
C MET A 50 3.09 15.07 2.95
N LEU A 51 3.25 15.04 1.64
CA LEU A 51 3.14 13.78 0.90
C LEU A 51 4.33 13.59 -0.03
N ASP A 52 4.64 12.34 -0.36
CA ASP A 52 5.87 12.00 -1.06
C ASP A 52 5.82 10.61 -1.66
N ILE A 53 6.41 10.49 -2.84
CA ILE A 53 6.56 9.22 -3.51
C ILE A 53 8.03 8.93 -3.78
N GLU A 54 8.43 7.69 -3.57
CA GLU A 54 9.82 7.34 -3.72
C GLU A 54 9.89 5.91 -4.19
N ASP A 55 10.53 5.71 -5.34
CA ASP A 55 10.74 4.37 -5.86
C ASP A 55 12.21 4.01 -5.74
N SER A 56 12.52 2.74 -5.96
CA SER A 56 13.81 2.18 -5.61
C SER A 56 13.93 0.79 -6.19
N VAL A 57 15.17 0.40 -6.48
CA VAL A 57 15.47 -0.77 -7.34
C VAL A 57 16.55 -1.68 -6.74
N GLU A 58 16.25 -2.28 -5.59
CA GLU A 58 17.26 -3.08 -4.88
C GLU A 58 17.43 -4.46 -5.56
N ASP A 59 18.38 -5.28 -5.09
CA ASP A 59 18.79 -6.47 -5.84
C ASP A 59 18.70 -7.83 -5.16
N ILE A 60 17.91 -8.71 -5.79
CA ILE A 60 17.77 -10.10 -5.39
C ILE A 60 19.05 -10.87 -5.69
N GLU A 61 19.97 -10.85 -4.73
CA GLU A 61 21.30 -11.41 -4.86
C GLU A 61 21.25 -12.71 -5.63
N GLU A 62 20.53 -13.68 -5.07
CA GLU A 62 20.39 -15.01 -5.67
C GLU A 62 20.15 -14.89 -7.17
N SER A 63 19.12 -14.13 -7.53
CA SER A 63 18.67 -14.00 -8.90
C SER A 63 19.47 -13.01 -9.74
N THR A 64 19.12 -12.96 -11.03
CA THR A 64 19.51 -11.87 -11.92
C THR A 64 18.39 -10.81 -12.04
N GLU A 65 17.40 -10.87 -11.14
CA GLU A 65 16.16 -10.10 -11.29
C GLU A 65 15.98 -9.07 -10.15
N LYS A 66 15.83 -7.81 -10.53
CA LYS A 66 15.86 -6.72 -9.56
C LYS A 66 14.54 -6.64 -8.80
N GLU A 67 14.64 -6.38 -7.50
CA GLU A 67 13.49 -5.99 -6.70
C GLU A 67 13.19 -4.51 -6.93
N TYR A 68 11.98 -4.26 -7.44
CA TYR A 68 11.46 -2.90 -7.62
C TYR A 68 10.52 -2.56 -6.49
N ALA A 69 10.49 -1.28 -6.13
CA ALA A 69 9.62 -0.87 -5.06
C ALA A 69 9.26 0.61 -5.10
N SER A 70 7.98 0.84 -4.84
CA SER A 70 7.41 2.15 -4.93
C SER A 70 6.77 2.37 -3.60
N THR A 71 6.98 3.55 -3.05
CA THR A 71 6.39 3.86 -1.80
C THR A 71 5.79 5.20 -1.87
N ALA A 72 4.55 5.27 -1.39
CA ALA A 72 3.82 6.53 -1.23
C ALA A 72 3.73 6.76 0.24
N THR A 73 3.75 8.04 0.61
CA THR A 73 3.61 8.43 2.00
C THR A 73 2.99 9.77 2.11
N GLY A 74 2.31 9.99 3.23
CA GLY A 74 1.59 11.22 3.50
C GLY A 74 1.36 11.36 4.99
N GLU A 75 1.42 12.58 5.49
CA GLU A 75 1.13 12.81 6.88
C GLU A 75 0.23 14.03 7.01
N ALA A 76 -0.83 13.86 7.80
CA ALA A 76 -1.69 14.98 8.07
C ALA A 76 -2.46 14.66 9.34
N ALA A 77 -2.91 15.70 10.04
CA ALA A 77 -3.72 15.49 11.23
C ALA A 77 -3.04 14.55 12.25
N GLY A 78 -1.75 14.76 12.48
CA GLY A 78 -1.04 13.94 13.46
C GLY A 78 -0.78 12.52 13.01
N VAL A 79 -1.26 12.16 11.83
CA VAL A 79 -1.22 10.77 11.39
C VAL A 79 -0.39 10.64 10.12
N ASN A 80 0.54 9.68 10.10
CA ASN A 80 1.33 9.41 8.91
C ASN A 80 1.13 8.00 8.38
N VAL A 81 1.07 7.93 7.06
CA VAL A 81 0.72 6.73 6.37
C VAL A 81 1.86 6.40 5.44
N SER A 82 2.03 5.11 5.19
CA SER A 82 3.07 4.65 4.31
C SER A 82 2.63 3.41 3.58
N VAL A 83 2.85 3.43 2.27
CA VAL A 83 2.32 2.43 1.37
C VAL A 83 3.39 1.95 0.42
N ALA A 84 3.68 0.67 0.50
CA ALA A 84 4.88 0.14 -0.07
C ALA A 84 4.59 -1.05 -0.96
N LEU A 85 4.80 -0.88 -2.26
CA LEU A 85 4.53 -1.98 -3.20
C LEU A 85 5.83 -2.54 -3.76
N VAL A 86 6.06 -3.85 -3.62
CA VAL A 86 7.37 -4.41 -3.93
C VAL A 86 7.40 -5.54 -4.92
N GLY A 87 7.67 -5.22 -6.18
CA GLY A 87 7.79 -6.24 -7.22
C GLY A 87 9.13 -6.97 -7.27
N GLU A 88 9.10 -8.26 -7.55
CA GLU A 88 10.30 -9.00 -7.96
C GLU A 88 10.31 -9.01 -9.47
N GLY A 89 11.11 -8.17 -10.10
CA GLY A 89 11.18 -8.12 -11.56
C GLY A 89 10.17 -7.24 -12.31
N VAL A 90 9.37 -6.47 -11.57
CA VAL A 90 8.40 -5.54 -12.19
C VAL A 90 8.17 -4.27 -11.37
N SER A 91 8.30 -3.12 -12.03
CA SER A 91 7.98 -1.86 -11.36
C SER A 91 6.53 -1.49 -11.67
N ILE A 92 5.81 -1.12 -10.62
CA ILE A 92 4.52 -0.46 -10.74
C ILE A 92 4.77 0.86 -10.04
N PRO A 93 5.05 1.91 -10.80
CA PRO A 93 5.32 3.19 -10.19
C PRO A 93 4.07 3.95 -9.74
N PHE A 94 4.04 4.25 -8.45
CA PHE A 94 3.02 5.14 -7.94
C PHE A 94 3.23 6.44 -8.64
N SER A 95 2.17 6.99 -9.20
CA SER A 95 2.27 8.27 -9.83
C SER A 95 1.58 9.32 -9.02
N TYR A 96 0.82 8.91 -8.01
CA TYR A 96 0.01 9.86 -7.28
C TYR A 96 -0.59 9.38 -5.97
N ILE A 97 -0.67 10.33 -5.04
CA ILE A 97 -1.25 10.13 -3.72
C ILE A 97 -2.14 11.32 -3.40
N GLY A 98 -3.21 11.09 -2.67
CA GLY A 98 -4.06 12.21 -2.24
C GLY A 98 -4.65 11.99 -0.87
N LEU A 99 -4.56 12.98 0.00
CA LEU A 99 -5.27 12.92 1.28
C LEU A 99 -6.51 13.76 1.28
N GLY A 100 -7.45 13.34 2.12
CA GLY A 100 -8.52 14.21 2.54
C GLY A 100 -8.43 14.15 4.04
N PHE A 101 -8.35 15.29 4.71
CA PHE A 101 -8.15 15.26 6.15
C PHE A 101 -8.76 16.46 6.86
N ASN A 102 -8.86 16.34 8.19
CA ASN A 102 -9.58 17.30 9.02
C ASN A 102 -8.66 17.88 10.11
N PRO A 103 -8.36 19.18 10.04
CA PRO A 103 -7.29 19.77 10.84
C PRO A 103 -7.55 19.97 12.33
N SER A 104 -8.74 19.59 12.79
CA SER A 104 -9.22 19.83 14.15
C SER A 104 -8.73 18.81 15.16
N LEU A 105 -9.10 19.02 16.42
CA LEU A 105 -8.88 18.04 17.50
C LEU A 105 -9.93 16.94 17.49
N GLU A 106 -11.09 17.25 16.93
CA GLU A 106 -12.16 16.28 16.76
C GLU A 106 -11.64 14.95 16.24
N ASP A 107 -12.09 13.85 16.83
CA ASP A 107 -11.96 12.52 16.21
C ASP A 107 -12.63 12.60 14.82
N SER A 108 -12.01 12.03 13.80
CA SER A 108 -12.44 12.29 12.42
C SER A 108 -11.87 11.27 11.46
N TYR A 109 -12.21 11.40 10.17
CA TYR A 109 -11.63 10.51 9.18
C TYR A 109 -10.55 11.14 8.34
N LEU A 110 -9.68 10.25 7.84
CA LEU A 110 -8.59 10.61 6.93
C LEU A 110 -8.61 9.67 5.73
N TYR A 111 -8.79 10.26 4.55
CA TYR A 111 -8.93 9.49 3.33
C TYR A 111 -7.63 9.51 2.53
N VAL A 112 -7.17 8.34 2.11
CA VAL A 112 -5.91 8.23 1.40
C VAL A 112 -6.05 7.52 0.07
N ASN A 113 -5.95 8.26 -1.03
CA ASN A 113 -5.85 7.70 -2.37
C ASN A 113 -4.40 7.48 -2.69
N VAL A 114 -4.14 6.43 -3.45
CA VAL A 114 -2.84 6.16 -4.08
C VAL A 114 -3.08 5.43 -5.43
N SER A 115 -2.42 5.89 -6.51
CA SER A 115 -2.58 5.31 -7.87
C SER A 115 -1.28 5.12 -8.63
N SER A 116 -1.18 4.01 -9.40
CA SER A 116 -0.02 3.83 -10.32
C SER A 116 -0.02 4.80 -11.49
N ARG A 117 1.03 4.73 -12.29
CA ARG A 117 1.02 5.47 -13.58
C ARG A 117 0.08 4.83 -14.62
N ALA A 118 -0.55 5.70 -15.40
CA ALA A 118 -1.24 5.28 -16.59
C ALA A 118 -0.21 5.01 -17.67
N PRO A 119 -0.28 3.82 -18.29
CA PRO A 119 0.66 3.50 -19.35
C PRO A 119 0.54 4.51 -20.50
N TRP A 120 -0.68 4.96 -20.74
CA TRP A 120 -0.92 5.98 -21.75
C TRP A 120 -0.52 7.39 -21.31
N VAL A 121 -0.08 7.55 -20.06
CA VAL A 121 0.73 8.72 -19.71
C VAL A 121 2.17 8.34 -20.01
N LYS A 122 2.62 7.28 -19.36
CA LYS A 122 3.96 6.73 -19.60
C LYS A 122 3.85 5.23 -19.52
N GLN A 123 4.28 4.55 -20.59
CA GLN A 123 4.11 3.10 -20.66
C GLN A 123 4.78 2.39 -19.49
N THR A 124 3.96 1.65 -18.74
CA THR A 124 4.47 0.66 -17.80
C THR A 124 4.89 -0.53 -18.65
N SER A 125 5.33 -1.61 -18.02
CA SER A 125 5.64 -2.83 -18.77
C SER A 125 4.35 -3.50 -19.21
N ASP A 126 4.38 -4.05 -20.42
CA ASP A 126 3.35 -5.00 -20.83
C ASP A 126 3.64 -6.34 -20.11
N LEU A 127 2.97 -6.53 -18.97
CA LEU A 127 3.22 -7.67 -18.11
C LEU A 127 2.87 -9.01 -18.78
N SER A 128 2.24 -8.95 -19.95
CA SER A 128 1.82 -10.15 -20.68
C SER A 128 2.91 -10.76 -21.54
N ALA A 129 3.94 -9.98 -21.87
CA ALA A 129 5.01 -10.44 -22.76
C ALA A 129 5.66 -11.72 -22.25
N ASN A 130 6.06 -12.58 -23.17
CA ASN A 130 6.62 -13.88 -22.84
C ASN A 130 5.65 -14.67 -21.98
N GLY A 131 4.56 -15.12 -22.61
CA GLY A 131 3.58 -15.99 -21.95
C GLY A 131 2.96 -15.48 -20.66
N GLY A 132 3.18 -14.19 -20.38
CA GLY A 132 2.70 -13.57 -19.15
C GLY A 132 3.71 -13.66 -18.03
N TRP A 133 4.98 -13.65 -18.40
CA TRP A 133 6.03 -13.72 -17.41
C TRP A 133 5.72 -12.79 -16.24
N GLY A 134 5.54 -11.51 -16.56
CA GLY A 134 5.15 -10.52 -15.56
C GLY A 134 4.01 -10.96 -14.64
N ILE A 135 2.95 -11.51 -15.22
CA ILE A 135 1.82 -11.89 -14.38
C ILE A 135 2.27 -12.95 -13.41
N LYS A 136 3.16 -13.84 -13.85
CA LYS A 136 3.74 -14.82 -12.93
C LYS A 136 4.35 -14.04 -11.78
N GLN A 137 5.21 -13.08 -12.14
CA GLN A 137 5.98 -12.32 -11.17
C GLN A 137 5.09 -11.64 -10.16
N VAL A 138 3.97 -11.12 -10.62
CA VAL A 138 3.09 -10.41 -9.73
C VAL A 138 2.34 -11.43 -8.88
N LEU A 139 1.64 -12.32 -9.55
CA LEU A 139 0.76 -13.26 -8.85
C LEU A 139 1.58 -13.91 -7.74
N GLU A 140 2.78 -14.36 -8.09
CA GLU A 140 3.59 -15.08 -7.14
C GLU A 140 4.30 -14.12 -6.16
N LYS A 141 5.03 -13.14 -6.70
CA LYS A 141 6.02 -12.34 -5.92
C LYS A 141 5.55 -11.03 -5.23
N GLU A 142 4.97 -10.12 -5.99
CA GLU A 142 4.49 -8.85 -5.45
C GLU A 142 4.02 -8.91 -3.99
N LEU A 143 4.62 -8.09 -3.14
CA LEU A 143 4.16 -7.87 -1.77
C LEU A 143 3.71 -6.42 -1.61
N LEU A 144 2.67 -6.19 -0.79
CA LEU A 144 2.22 -4.84 -0.46
C LEU A 144 2.14 -4.61 1.05
N ALA A 145 2.73 -3.49 1.48
CA ALA A 145 2.82 -3.20 2.90
C ALA A 145 2.33 -1.79 3.18
N ILE A 146 1.18 -1.75 3.86
CA ILE A 146 0.63 -0.51 4.38
C ILE A 146 0.94 -0.39 5.85
N GLN A 147 1.23 0.83 6.30
CA GLN A 147 1.34 1.06 7.73
C GLN A 147 1.07 2.50 8.10
N ILE A 148 0.57 2.66 9.32
CA ILE A 148 0.06 3.93 9.80
C ILE A 148 0.58 4.22 11.20
N GLY A 149 0.97 5.46 11.43
CA GLY A 149 1.50 5.85 12.73
C GLY A 149 0.94 7.19 13.13
N CYS A 150 1.55 7.78 14.16
CA CYS A 150 1.08 9.05 14.72
C CYS A 150 2.11 10.16 14.60
N ASP A 151 2.93 10.12 13.58
CA ASP A 151 3.75 11.27 13.34
C ASP A 151 4.58 11.47 14.57
N ASN A 152 4.63 12.72 15.03
CA ASN A 152 5.46 13.02 16.18
C ASN A 152 4.63 13.38 17.40
N GLN A 153 3.32 13.12 17.34
CA GLN A 153 2.46 13.46 18.47
C GLN A 153 2.68 12.49 19.63
N LYS A 154 2.68 13.04 20.85
CA LYS A 154 3.07 12.33 22.06
C LYS A 154 1.87 12.08 22.97
N PHE A 155 1.82 10.91 23.59
CA PHE A 155 0.67 10.52 24.38
C PHE A 155 0.98 10.42 25.87
N PRO A 156 -0.05 10.65 26.72
CA PRO A 156 0.14 10.45 28.12
C PRO A 156 0.14 8.95 28.35
N GLU A 157 1.19 8.42 28.97
CA GLU A 157 1.26 7.01 29.29
C GLU A 157 0.35 6.70 30.48
N PRO A 200 -6.62 -15.77 -3.87
CA PRO A 200 -5.48 -15.77 -4.80
C PRO A 200 -5.41 -14.48 -5.60
N ALA A 201 -6.51 -14.07 -6.21
CA ALA A 201 -6.65 -12.69 -6.68
C ALA A 201 -6.75 -11.83 -5.43
N ASP A 202 -7.01 -12.49 -4.30
CA ASP A 202 -6.67 -11.95 -2.98
C ASP A 202 -5.29 -11.28 -3.03
N ILE A 203 -5.28 -9.95 -3.02
CA ILE A 203 -4.04 -9.21 -3.01
C ILE A 203 -3.38 -9.42 -1.67
N ASP A 204 -2.06 -9.59 -1.71
CA ASP A 204 -1.31 -10.03 -0.52
C ASP A 204 -0.65 -8.86 0.17
N PHE A 205 -1.30 -8.34 1.20
CA PHE A 205 -0.76 -7.16 1.87
C PHE A 205 -0.71 -7.29 3.39
N SER A 206 0.11 -6.41 3.99
CA SER A 206 0.17 -6.31 5.44
C SER A 206 -0.16 -4.91 5.91
N LEU A 207 -1.11 -4.80 6.85
CA LEU A 207 -1.44 -3.52 7.54
C LEU A 207 -0.98 -3.57 9.00
N LEU A 208 -0.08 -2.67 9.37
CA LEU A 208 0.35 -2.49 10.76
C LEU A 208 -0.08 -1.07 11.12
N VAL A 209 -0.67 -0.90 12.30
CA VAL A 209 -1.09 0.43 12.72
C VAL A 209 -0.74 0.66 14.16
N ASP A 210 -0.41 1.90 14.49
CA ASP A 210 -0.28 2.31 15.86
C ASP A 210 -1.68 2.67 16.29
N PRO A 211 -2.25 1.90 17.23
CA PRO A 211 -3.66 2.01 17.62
C PRO A 211 -4.00 3.19 18.54
N ARG A 212 -2.98 3.88 19.06
CA ARG A 212 -3.18 5.05 19.91
C ARG A 212 -3.94 6.14 19.21
N CYS A 213 -3.53 6.44 17.98
CA CYS A 213 -4.18 7.46 17.17
C CYS A 213 -5.13 6.86 16.15
N VAL A 214 -5.03 5.56 15.90
CA VAL A 214 -5.91 4.94 14.91
C VAL A 214 -7.08 4.18 15.54
N THR A 215 -8.28 4.66 15.20
CA THR A 215 -9.53 4.13 15.72
C THR A 215 -10.00 3.00 14.82
N SER A 216 -9.99 3.25 13.51
CA SER A 216 -10.59 2.34 12.55
C SER A 216 -9.76 2.34 11.29
N VAL A 217 -9.87 1.27 10.53
CA VAL A 217 -9.33 1.26 9.19
C VAL A 217 -10.24 0.57 8.21
N ASP A 218 -10.51 1.23 7.08
CA ASP A 218 -11.26 0.60 6.02
C ASP A 218 -10.53 0.84 4.73
N LEU A 219 -10.42 -0.18 3.88
CA LEU A 219 -9.78 0.04 2.59
C LEU A 219 -10.17 -0.94 1.51
N HIS A 220 -10.18 -0.44 0.29
CA HIS A 220 -10.32 -1.28 -0.87
C HIS A 220 -9.10 -1.03 -1.68
N VAL A 221 -8.52 -2.13 -2.18
CA VAL A 221 -7.31 -2.05 -2.97
C VAL A 221 -7.45 -2.91 -4.21
N GLU A 222 -6.77 -2.53 -5.28
CA GLU A 222 -6.84 -3.33 -6.50
C GLU A 222 -5.58 -3.18 -7.31
N LEU A 223 -5.24 -4.26 -7.99
CA LEU A 223 -4.12 -4.25 -8.92
C LEU A 223 -4.63 -4.95 -10.15
N ARG A 224 -4.96 -4.20 -11.17
CA ARG A 224 -5.77 -4.75 -12.25
C ARG A 224 -5.40 -4.24 -13.59
N ASP A 225 -5.90 -4.96 -14.58
CA ASP A 225 -5.55 -4.67 -15.93
C ASP A 225 -6.03 -3.29 -16.26
N ALA A 226 -5.08 -2.42 -16.58
CA ALA A 226 -5.32 -0.99 -16.76
C ALA A 226 -6.29 -0.67 -17.89
N CYS A 227 -6.70 -1.70 -18.64
CA CYS A 227 -7.75 -1.52 -19.63
C CYS A 227 -8.94 -2.51 -19.44
N ILE A 228 -9.18 -2.97 -18.21
CA ILE A 228 -10.22 -3.98 -17.97
C ILE A 228 -11.58 -3.42 -18.35
N ASP A 229 -11.73 -2.10 -18.40
CA ASP A 229 -12.97 -1.49 -18.90
C ASP A 229 -13.23 -1.88 -20.34
N TYR A 230 -12.17 -1.91 -21.15
CA TYR A 230 -12.31 -2.32 -22.56
C TYR A 230 -11.91 -3.77 -22.86
N LYS A 231 -12.07 -4.66 -21.88
CA LYS A 231 -11.75 -6.07 -22.05
C LYS A 231 -12.72 -6.93 -21.25
N GLN A 232 -13.02 -8.12 -21.75
CA GLN A 232 -13.98 -9.01 -21.08
C GLN A 232 -13.40 -9.42 -19.73
N GLU A 233 -12.22 -10.03 -19.76
CA GLU A 233 -11.49 -10.45 -18.57
C GLU A 233 -10.05 -10.01 -18.70
N SER A 234 -9.22 -10.37 -17.72
CA SER A 234 -7.77 -10.23 -17.82
C SER A 234 -7.09 -11.18 -16.84
N PRO A 235 -5.84 -11.55 -17.13
CA PRO A 235 -5.13 -12.41 -16.19
C PRO A 235 -4.58 -11.62 -14.99
N LEU A 236 -4.60 -10.29 -15.09
CA LEU A 236 -4.28 -9.42 -13.96
C LEU A 236 -5.55 -8.71 -13.56
N SER A 237 -6.16 -9.21 -12.51
CA SER A 237 -7.25 -8.53 -11.84
C SER A 237 -7.21 -9.02 -10.41
N LEU A 238 -6.25 -8.49 -9.68
CA LEU A 238 -6.12 -8.73 -8.25
C LEU A 238 -6.89 -7.68 -7.46
N LYS A 239 -7.53 -8.10 -6.38
CA LYS A 239 -8.30 -7.18 -5.53
C LYS A 239 -8.04 -7.48 -4.06
N GLY A 240 -8.31 -6.51 -3.20
CA GLY A 240 -8.18 -6.69 -1.77
C GLY A 240 -9.14 -5.78 -1.03
N LYS A 241 -9.54 -6.19 0.17
CA LYS A 241 -10.44 -5.40 0.99
C LYS A 241 -10.02 -5.44 2.44
N TYR A 242 -10.53 -4.50 3.23
CA TYR A 242 -10.44 -4.59 4.68
C TYR A 242 -11.47 -3.68 5.31
N GLY A 243 -12.46 -4.28 5.99
CA GLY A 243 -13.67 -3.56 6.41
C GLY A 243 -14.38 -3.04 5.17
N ASP A 244 -15.43 -2.24 5.36
CA ASP A 244 -16.25 -1.76 4.22
C ASP A 244 -15.40 -1.11 3.13
N GLY A 245 -14.88 -1.92 2.21
CA GLY A 245 -14.09 -1.45 1.09
C GLY A 245 -15.01 -0.76 0.10
N GLU A 246 -15.96 -1.51 -0.45
CA GLU A 246 -16.87 -0.95 -1.43
C GLU A 246 -17.51 0.34 -0.91
N LEU A 247 -17.63 0.47 0.41
CA LEU A 247 -18.12 1.72 1.00
C LEU A 247 -17.12 2.85 0.85
N VAL A 248 -15.90 2.62 1.31
CA VAL A 248 -14.85 3.67 1.24
C VAL A 248 -14.51 4.05 -0.21
N LYS A 249 -14.63 3.07 -1.12
CA LYS A 249 -14.61 3.37 -2.54
C LYS A 249 -15.70 4.41 -2.88
N LYS A 250 -16.93 4.21 -2.41
CA LYS A 250 -18.00 5.18 -2.66
C LYS A 250 -17.67 6.52 -2.02
N GLU A 251 -17.26 6.47 -0.76
CA GLU A 251 -17.13 7.67 0.05
C GLU A 251 -15.94 8.54 -0.33
N ILE A 252 -14.74 7.96 -0.42
CA ILE A 252 -13.54 8.72 -0.84
C ILE A 252 -13.88 9.63 -2.03
N LYS A 253 -14.61 9.09 -3.00
CA LYS A 253 -14.92 9.81 -4.22
C LYS A 253 -15.56 11.17 -3.96
N ASP A 254 -16.01 11.45 -2.73
CA ASP A 254 -16.44 12.80 -2.41
C ASP A 254 -16.45 13.19 -0.92
N VAL A 255 -15.26 13.39 -0.37
CA VAL A 255 -15.09 13.91 0.99
C VAL A 255 -14.71 15.40 0.92
N GLY A 256 -14.49 15.88 -0.30
CA GLY A 256 -14.07 17.25 -0.55
C GLY A 256 -15.09 18.34 -0.24
N LYS A 257 -16.22 17.96 0.36
CA LYS A 257 -17.13 18.91 0.96
C LYS A 257 -16.60 19.31 2.34
N ASN A 258 -16.02 18.35 3.06
CA ASN A 258 -15.83 18.49 4.52
C ASN A 258 -14.41 18.23 5.00
N HIS A 259 -13.44 18.41 4.12
CA HIS A 259 -12.04 18.24 4.54
C HIS A 259 -11.14 19.17 3.79
N ASN A 260 -9.92 19.32 4.29
CA ASN A 260 -8.86 19.86 3.49
C ASN A 260 -8.51 18.78 2.49
N MET A 261 -8.03 19.22 1.34
CA MET A 261 -7.55 18.33 0.30
C MET A 261 -6.14 18.69 -0.13
N CYS A 262 -5.20 17.78 0.10
CA CYS A 262 -3.89 17.86 -0.57
C CYS A 262 -3.57 16.58 -1.31
N SER A 263 -2.64 16.69 -2.25
CA SER A 263 -2.30 15.56 -3.11
C SER A 263 -1.03 15.84 -3.84
N LEU A 264 -0.40 14.78 -4.31
CA LEU A 264 0.83 14.91 -5.09
C LEU A 264 0.66 14.12 -6.36
N ASN A 265 0.97 14.75 -7.49
CA ASN A 265 1.00 14.08 -8.77
C ASN A 265 2.37 14.14 -9.45
N LEU A 266 2.97 12.99 -9.69
CA LEU A 266 4.28 13.03 -10.29
C LEU A 266 4.22 13.49 -11.72
N ASN A 267 5.22 14.29 -12.07
CA ASN A 267 5.53 14.62 -13.45
C ASN A 267 5.24 13.48 -14.41
N PRO A 268 4.49 13.77 -15.47
CA PRO A 268 4.35 12.88 -16.62
C PRO A 268 5.51 12.99 -17.64
N GLY A 269 6.39 11.98 -17.69
CA GLY A 269 7.51 11.98 -18.64
C GLY A 269 8.60 13.01 -18.33
N THR B 9 3.69 1.51 20.49
CA THR B 9 3.88 0.22 19.77
C THR B 9 2.74 0.00 18.78
N THR B 10 3.07 -0.58 17.62
CA THR B 10 2.12 -0.82 16.53
C THR B 10 1.45 -2.19 16.62
N CYS B 11 0.41 -2.41 15.82
CA CYS B 11 -0.41 -3.64 15.86
C CYS B 11 -0.89 -4.03 14.47
N CYS B 12 -0.82 -5.33 14.14
CA CYS B 12 -1.22 -5.81 12.82
C CYS B 12 -2.70 -6.20 12.77
N TYR B 13 -3.41 -5.62 11.80
CA TYR B 13 -4.79 -5.98 11.52
C TYR B 13 -4.89 -6.98 10.35
N ARG B 14 -3.78 -7.21 9.65
CA ARG B 14 -3.74 -8.17 8.54
C ARG B 14 -2.34 -8.74 8.35
N PHE B 15 -2.22 -9.72 7.48
CA PHE B 15 -1.09 -10.63 7.43
C PHE B 15 -0.74 -10.91 5.97
N ILE B 16 0.52 -11.25 5.68
CA ILE B 16 0.85 -11.62 4.31
C ILE B 16 0.72 -13.12 4.11
N ASN B 17 -0.10 -13.52 3.15
CA ASN B 17 -0.31 -14.93 2.84
C ASN B 17 0.85 -15.54 2.04
N LYS B 18 1.75 -14.72 1.52
CA LYS B 18 2.97 -15.23 0.88
C LYS B 18 4.05 -15.32 1.94
N LYS B 19 5.28 -15.67 1.53
CA LYS B 19 6.47 -15.60 2.39
C LYS B 19 7.45 -14.59 1.81
N ILE B 20 8.05 -13.78 2.68
CA ILE B 20 8.89 -12.65 2.25
C ILE B 20 10.30 -13.10 1.86
N PRO B 21 10.91 -12.41 0.87
CA PRO B 21 12.30 -12.67 0.43
C PRO B 21 13.35 -12.65 1.54
N LYS B 22 14.07 -13.76 1.68
CA LYS B 22 15.12 -13.94 2.69
C LYS B 22 16.22 -12.89 2.60
N GLN B 23 16.73 -12.68 1.38
CA GLN B 23 17.82 -11.73 1.14
C GLN B 23 17.51 -10.30 1.59
N ARG B 24 16.28 -9.85 1.35
CA ARG B 24 15.92 -8.45 1.55
C ARG B 24 15.77 -8.02 3.01
N LEU B 25 15.62 -8.98 3.92
CA LEU B 25 15.20 -8.70 5.31
C LEU B 25 16.32 -8.18 6.23
N GLU B 26 15.96 -7.90 7.49
CA GLU B 26 16.89 -7.37 8.51
C GLU B 26 16.47 -7.69 9.96
N SER B 27 15.62 -6.84 10.57
CA SER B 27 15.26 -6.99 12.00
C SER B 27 13.93 -7.74 12.25
N TYR B 28 13.62 -7.98 13.52
CA TYR B 28 12.38 -8.66 13.92
C TYR B 28 11.82 -8.01 15.19
N ARG B 29 10.51 -8.10 15.40
CA ARG B 29 9.90 -7.64 16.69
C ARG B 29 8.56 -8.34 17.01
N ARG B 30 8.21 -8.44 18.30
CA ARG B 30 6.98 -9.16 18.74
C ARG B 30 6.04 -8.29 19.61
N THR B 31 4.73 -8.35 19.31
CA THR B 31 3.71 -7.41 19.82
C THR B 31 3.51 -7.31 21.34
N THR B 32 2.74 -6.29 21.76
CA THR B 32 2.35 -6.06 23.14
C THR B 32 0.87 -6.36 23.34
N SER B 33 0.59 -7.56 23.84
CA SER B 33 -0.78 -8.10 24.00
C SER B 33 -1.84 -7.07 24.40
N SER B 34 -1.72 -6.52 25.61
CA SER B 34 -2.68 -5.54 26.13
C SER B 34 -3.04 -4.51 25.06
N HIS B 35 -2.03 -4.06 24.33
CA HIS B 35 -2.27 -3.19 23.18
C HIS B 35 -2.95 -4.01 22.09
N CYS B 36 -2.15 -4.83 21.41
CA CYS B 36 -2.55 -5.43 20.14
C CYS B 36 -3.25 -6.76 20.34
N PRO B 37 -4.53 -6.85 19.94
CA PRO B 37 -5.31 -8.09 20.13
C PRO B 37 -4.64 -9.34 19.54
N ARG B 38 -4.20 -9.27 18.27
CA ARG B 38 -3.50 -10.38 17.63
C ARG B 38 -2.01 -10.30 17.92
N GLU B 39 -1.46 -11.35 18.52
CA GLU B 39 0.00 -11.46 18.68
C GLU B 39 0.60 -11.78 17.33
N ALA B 40 1.70 -11.11 16.98
CA ALA B 40 2.32 -11.30 15.66
C ALA B 40 3.76 -10.78 15.60
N VAL B 41 4.48 -11.18 14.56
CA VAL B 41 5.86 -10.78 14.37
C VAL B 41 5.94 -9.70 13.28
N ILE B 42 6.72 -8.66 13.56
CA ILE B 42 6.96 -7.58 12.62
C ILE B 42 8.39 -7.68 12.09
N PHE B 43 8.48 -7.79 10.78
CA PHE B 43 9.73 -7.89 10.05
C PHE B 43 10.07 -6.58 9.37
N LYS B 44 11.17 -5.96 9.79
CA LYS B 44 11.75 -4.82 9.08
C LYS B 44 12.42 -5.33 7.79
N THR B 45 13.16 -4.46 7.13
CA THR B 45 13.76 -4.80 5.84
C THR B 45 14.98 -3.94 5.62
N LYS B 46 15.83 -4.41 4.72
CA LYS B 46 16.84 -3.55 4.09
C LYS B 46 16.19 -2.27 3.57
N LEU B 47 14.96 -2.39 3.05
CA LEU B 47 14.15 -1.25 2.60
C LEU B 47 13.61 -0.36 3.72
N ASP B 48 13.79 -0.79 4.99
CA ASP B 48 13.26 -0.07 6.16
C ASP B 48 11.73 -0.03 6.11
N LYS B 49 11.14 -1.19 5.84
CA LYS B 49 9.69 -1.32 5.73
C LYS B 49 9.28 -2.51 6.58
N GLU B 50 8.22 -2.34 7.36
CA GLU B 50 7.89 -3.34 8.40
C GLU B 50 6.74 -4.24 7.99
N ILE B 51 7.02 -5.27 7.17
CA ILE B 51 5.99 -6.26 6.79
C ILE B 51 5.68 -7.06 8.03
N CYS B 52 4.53 -7.71 8.07
CA CYS B 52 4.18 -8.48 9.25
C CYS B 52 3.32 -9.69 8.91
N ALA B 53 3.92 -10.85 9.11
CA ALA B 53 3.24 -12.12 8.93
C ALA B 53 2.66 -12.56 10.26
N ASP B 54 1.38 -12.93 10.23
CA ASP B 54 0.74 -13.51 11.40
C ASP B 54 1.26 -14.95 11.53
N PRO B 55 1.95 -15.26 12.66
CA PRO B 55 2.66 -16.52 12.76
C PRO B 55 1.70 -17.70 12.92
N THR B 56 2.23 -18.89 13.21
CA THR B 56 1.54 -20.15 12.94
C THR B 56 1.99 -20.60 11.56
N GLN B 57 2.28 -19.64 10.68
CA GLN B 57 3.05 -19.89 9.46
C GLN B 57 4.50 -20.17 9.85
N LYS B 58 4.87 -21.45 9.77
CA LYS B 58 6.22 -21.88 10.16
C LYS B 58 7.29 -21.10 9.40
N TRP B 59 7.02 -20.83 8.12
CA TRP B 59 7.86 -19.92 7.32
C TRP B 59 8.40 -18.76 8.15
N VAL B 60 7.52 -18.18 8.97
CA VAL B 60 7.90 -17.13 9.92
C VAL B 60 8.85 -17.66 11.01
N GLN B 61 8.38 -18.64 11.79
CA GLN B 61 9.14 -19.21 12.92
C GLN B 61 10.55 -19.66 12.54
N ASP B 62 10.70 -20.16 11.32
CA ASP B 62 12.01 -20.49 10.76
C ASP B 62 12.83 -19.21 10.54
N PHE B 63 12.25 -18.26 9.79
CA PHE B 63 12.91 -16.99 9.51
C PHE B 63 13.42 -16.35 10.81
N MET B 64 12.56 -16.32 11.83
CA MET B 64 12.94 -15.79 13.15
C MET B 64 14.09 -16.60 13.78
N LYS B 65 14.10 -17.91 13.57
CA LYS B 65 15.22 -18.75 13.99
C LYS B 65 16.50 -18.39 13.23
N HIS B 66 16.35 -18.01 11.96
CA HIS B 66 17.48 -17.49 11.17
C HIS B 66 17.95 -16.16 11.71
N LEU B 67 17.00 -15.36 12.19
CA LEU B 67 17.31 -14.10 12.86
C LEU B 67 18.07 -14.35 14.16
N ASP B 68 17.61 -15.33 14.92
CA ASP B 68 18.23 -15.70 16.19
C ASP B 68 19.23 -16.84 16.02
C1 NAG C . 5.56 8.31 11.43
C2 NAG C . 6.30 7.11 10.87
C3 NAG C . 7.49 6.59 11.66
C4 NAG C . 8.30 7.71 12.28
C5 NAG C . 7.40 8.77 12.86
C6 NAG C . 8.21 9.99 13.23
C7 NAG C . 4.87 5.97 9.30
C8 NAG C . 3.94 4.83 9.01
N2 NAG C . 5.40 6.03 10.53
O3 NAG C . 8.34 5.92 10.76
O4 NAG C . 9.10 7.18 13.32
O5 NAG C . 6.53 9.23 11.88
O6 NAG C . 8.86 10.45 12.06
O7 NAG C . 5.11 6.80 8.40
C1 NAG C . 10.52 7.26 13.04
C2 NAG C . 11.21 8.08 14.16
C3 NAG C . 12.25 7.33 14.99
C4 NAG C . 13.02 6.22 14.24
C5 NAG C . 12.44 5.92 12.85
C6 NAG C . 12.83 4.52 12.37
C7 NAG C . 11.87 10.51 14.36
C8 NAG C . 11.54 10.56 15.82
N2 NAG C . 11.73 9.37 13.64
O3 NAG C . 11.58 6.76 16.12
O4 NAG C . 14.39 6.56 14.15
O5 NAG C . 11.03 5.96 12.92
O6 NAG C . 13.51 4.60 11.13
O7 NAG C . 12.27 11.56 13.83
C1 NAG D . -9.65 9.91 -4.67
C2 NAG D . -10.01 11.35 -4.32
C3 NAG D . -11.38 11.79 -4.86
C4 NAG D . -11.51 11.38 -6.33
C5 NAG D . -11.20 9.89 -6.43
C6 NAG D . -11.39 9.33 -7.83
C7 NAG D . -9.01 12.26 -2.22
C8 NAG D . -7.91 13.02 -2.94
N2 NAG D . -9.93 11.54 -2.88
O3 NAG D . -11.53 13.19 -4.70
O4 NAG D . -12.82 11.58 -6.80
O5 NAG D . -9.87 9.61 -6.03
O6 NAG D . -10.59 10.09 -8.71
O7 NAG D . -9.05 12.37 -1.00
C1 NAG D . -13.15 12.93 -7.21
C2 NAG D . -14.19 12.84 -8.31
C3 NAG D . -14.86 14.15 -8.68
C4 NAG D . -15.14 15.00 -7.45
C5 NAG D . -13.99 15.01 -6.45
C6 NAG D . -14.34 15.75 -5.15
C7 NAG D . -14.11 11.21 -10.10
C8 NAG D . -13.44 10.71 -11.33
N2 NAG D . -13.61 12.29 -9.52
O3 NAG D . -16.10 13.86 -9.31
O4 NAG D . -15.44 16.30 -7.95
O5 NAG D . -13.65 13.69 -6.13
O6 NAG D . -13.96 15.06 -3.97
O7 NAG D . -15.10 10.62 -9.67
C1 BMA D . -16.87 16.50 -8.01
C2 BMA D . -17.12 17.99 -7.76
C3 BMA D . -18.62 18.31 -7.84
C4 BMA D . -19.23 17.69 -9.11
C5 BMA D . -18.93 16.20 -9.11
C6 BMA D . -19.65 15.40 -10.20
O2 BMA D . -16.38 18.75 -8.73
O3 BMA D . -18.74 19.73 -7.75
O4 BMA D . -20.65 17.94 -9.18
O5 BMA D . -17.50 16.06 -9.23
O6 BMA D . -21.07 15.40 -10.00
#